data_1V3I
#
_entry.id   1V3I
#
_cell.length_a   86.267
_cell.length_b   86.267
_cell.length_c   144.683
_cell.angle_alpha   90.00
_cell.angle_beta   90.00
_cell.angle_gamma   120.00
#
_symmetry.space_group_name_H-M   'P 31 2 1'
#
loop_
_entity.id
_entity.type
_entity.pdbx_description
1 polymer Beta-amylase
2 branched alpha-D-glucopyranose-(1-4)-alpha-D-glucopyranose
3 branched alpha-D-glucopyranose-(1-4)-beta-D-glucopyranose
4 non-polymer 'SULFATE ION'
5 water water
#
_entity_poly.entity_id   1
_entity_poly.type   'polypeptide(L)'
_entity_poly.pdbx_seq_one_letter_code
;ATSDSNMLLNYVPVYVMLPLGVVNVDNVFEDPDGLKEQLLQLRAAGVDGVMVDVWWGIIELKGPKQYDWRAYRSLLQLVQ
ECGLTLQAIMSFHQCGGNVGDIVNIPIPQWVLDIGESNHDIFYTNRSGTRNKEYLTVGVDNEPIFHGRTAIEIYSDYMKS
FRENMSDFLESGLIIDIEVGLGPAGELRYPSYPQSQGWEFPGIGEFQCYDKYLKADFKAAVARAGHPEWELPDDAGKYND
VPESTGFFKSNGTYVTEKGKFFLTWYSNKLLNHGDQILDEANKAFLGCKVKLAIKVSGIHWWYKVENHAAELTAGYYNLN
DRDGYRPIARMLSRHHAILNFTCLEMRDSEQPSDAKSGPQELVQQVLSGGWREDIRVAGQNALPRYDATAYNQIILNARP
QGVNNNGPPKLSMFGVTYLRLSDDLLQKSNFNIFKKFVLKMHADQDYCANPQKYNHAITPLKPSAPKIPIEVLLEATKPT
LPFPWLPETDMKVDG
;
_entity_poly.pdbx_strand_id   A
#
loop_
_chem_comp.id
_chem_comp.type
_chem_comp.name
_chem_comp.formula
BGC D-saccharide, beta linking beta-D-glucopyranose 'C6 H12 O6'
GLC D-saccharide, alpha linking alpha-D-glucopyranose 'C6 H12 O6'
SO4 non-polymer 'SULFATE ION' 'O4 S -2'
#
# COMPACT_ATOMS: atom_id res chain seq x y z
N ASN A 6 16.61 -2.64 -27.96
CA ASN A 6 15.28 -2.13 -28.42
C ASN A 6 14.62 -1.28 -27.32
N MET A 7 13.91 -0.23 -27.74
CA MET A 7 13.25 0.69 -26.82
C MET A 7 12.22 0.06 -25.88
N LEU A 8 11.63 -1.05 -26.30
CA LEU A 8 10.63 -1.74 -25.48
C LEU A 8 11.14 -2.12 -24.10
N LEU A 9 12.45 -2.27 -23.97
CA LEU A 9 13.05 -2.64 -22.71
C LEU A 9 12.89 -1.52 -21.68
N ASN A 10 12.47 -0.35 -22.15
CA ASN A 10 12.27 0.82 -21.27
C ASN A 10 10.79 1.00 -20.92
N TYR A 11 9.96 0.10 -21.43
CA TYR A 11 8.51 0.14 -21.22
C TYR A 11 8.08 -0.12 -19.76
N VAL A 12 7.31 0.81 -19.18
CA VAL A 12 6.79 0.64 -17.82
C VAL A 12 5.27 0.59 -17.96
N PRO A 13 4.64 -0.53 -17.54
CA PRO A 13 3.19 -0.63 -17.67
C PRO A 13 2.39 0.32 -16.79
N VAL A 14 1.22 0.70 -17.30
CA VAL A 14 0.31 1.61 -16.62
C VAL A 14 -1.02 0.92 -16.36
N TYR A 15 -1.51 1.06 -15.13
CA TYR A 15 -2.78 0.46 -14.74
C TYR A 15 -3.66 1.59 -14.22
N VAL A 16 -4.97 1.40 -14.29
CA VAL A 16 -5.91 2.40 -13.80
C VAL A 16 -6.82 1.77 -12.77
N MET A 17 -7.03 2.47 -11.65
CA MET A 17 -7.90 1.94 -10.61
C MET A 17 -9.36 2.11 -11.02
N LEU A 18 -10.15 1.08 -10.74
CA LEU A 18 -11.57 1.12 -11.06
C LEU A 18 -12.26 1.90 -9.95
N PRO A 19 -13.50 2.34 -10.18
CA PRO A 19 -14.22 3.09 -9.15
C PRO A 19 -14.41 2.24 -7.90
N LEU A 20 -14.51 2.91 -6.75
CA LEU A 20 -14.76 2.18 -5.51
C LEU A 20 -16.24 1.83 -5.63
N GLY A 21 -16.63 0.64 -5.19
CA GLY A 21 -18.03 0.30 -5.29
C GLY A 21 -18.54 -0.16 -6.64
N VAL A 22 -17.64 -0.54 -7.56
CA VAL A 22 -18.07 -1.02 -8.87
C VAL A 22 -18.97 -2.23 -8.57
N VAL A 23 -18.72 -2.87 -7.43
CA VAL A 23 -19.53 -3.98 -6.95
C VAL A 23 -20.07 -3.41 -5.62
N ASN A 24 -21.38 -3.22 -5.53
CA ASN A 24 -21.94 -2.62 -4.31
C ASN A 24 -21.93 -3.50 -3.07
N VAL A 25 -22.28 -2.88 -1.94
CA VAL A 25 -22.30 -3.53 -0.64
C VAL A 25 -23.24 -4.73 -0.59
N ASP A 26 -24.17 -4.83 -1.55
CA ASP A 26 -25.08 -5.95 -1.59
C ASP A 26 -24.52 -7.06 -2.47
N ASN A 27 -23.27 -6.89 -2.89
CA ASN A 27 -22.57 -7.85 -3.74
C ASN A 27 -23.23 -7.94 -5.11
N VAL A 28 -23.46 -6.78 -5.72
CA VAL A 28 -24.08 -6.72 -7.03
C VAL A 28 -23.23 -5.85 -7.96
N PHE A 29 -22.94 -6.38 -9.15
CA PHE A 29 -22.16 -5.64 -10.15
C PHE A 29 -23.17 -4.71 -10.82
N GLU A 30 -23.34 -3.55 -10.20
CA GLU A 30 -24.29 -2.51 -10.61
C GLU A 30 -24.46 -2.13 -12.08
N ASP A 31 -23.43 -1.53 -12.67
CA ASP A 31 -23.52 -1.06 -14.04
C ASP A 31 -22.47 -1.64 -14.98
N PRO A 32 -22.72 -2.86 -15.50
CA PRO A 32 -21.78 -3.54 -16.40
C PRO A 32 -21.61 -2.78 -17.72
N ASP A 33 -22.72 -2.34 -18.30
CA ASP A 33 -22.69 -1.63 -19.57
C ASP A 33 -21.95 -0.32 -19.47
N GLY A 34 -22.12 0.36 -18.34
CA GLY A 34 -21.43 1.64 -18.15
C GLY A 34 -19.94 1.44 -18.02
N LEU A 35 -19.53 0.45 -17.23
CA LEU A 35 -18.12 0.17 -17.04
C LEU A 35 -17.49 -0.25 -18.36
N LYS A 36 -18.17 -1.13 -19.07
CA LYS A 36 -17.68 -1.62 -20.35
C LYS A 36 -17.20 -0.48 -21.25
N GLU A 37 -18.06 0.51 -21.48
CA GLU A 37 -17.67 1.62 -22.34
C GLU A 37 -16.45 2.34 -21.82
N GLN A 38 -16.35 2.52 -20.51
CA GLN A 38 -15.18 3.18 -19.95
C GLN A 38 -13.95 2.32 -20.19
N LEU A 39 -14.08 1.02 -19.93
CA LEU A 39 -12.97 0.10 -20.12
C LEU A 39 -12.47 0.09 -21.56
N LEU A 40 -13.39 0.15 -22.52
CA LEU A 40 -13.01 0.16 -23.93
C LEU A 40 -12.21 1.43 -24.24
N GLN A 41 -12.53 2.51 -23.53
CA GLN A 41 -11.83 3.77 -23.70
C GLN A 41 -10.37 3.56 -23.28
N LEU A 42 -10.20 2.91 -22.14
CA LEU A 42 -8.88 2.63 -21.59
C LEU A 42 -8.06 1.75 -22.53
N ARG A 43 -8.70 0.69 -23.04
CA ARG A 43 -8.05 -0.24 -23.96
C ARG A 43 -7.53 0.52 -25.18
N ALA A 44 -8.36 1.38 -25.76
CA ALA A 44 -7.96 2.14 -26.95
C ALA A 44 -6.82 3.11 -26.64
N ALA A 45 -6.74 3.56 -25.38
CA ALA A 45 -5.71 4.48 -24.95
C ALA A 45 -4.38 3.81 -24.66
N GLY A 46 -4.33 2.49 -24.80
CA GLY A 46 -3.09 1.76 -24.56
C GLY A 46 -2.81 1.39 -23.11
N VAL A 47 -3.80 1.52 -22.24
CA VAL A 47 -3.62 1.17 -20.83
C VAL A 47 -3.43 -0.34 -20.72
N ASP A 48 -2.45 -0.76 -19.92
CA ASP A 48 -2.16 -2.18 -19.77
C ASP A 48 -3.16 -3.00 -18.97
N GLY A 49 -3.67 -2.42 -17.88
CA GLY A 49 -4.63 -3.12 -17.06
C GLY A 49 -5.33 -2.21 -16.08
N VAL A 50 -6.11 -2.80 -15.17
CA VAL A 50 -6.83 -2.04 -14.16
C VAL A 50 -6.64 -2.70 -12.80
N MET A 51 -6.93 -1.95 -11.74
CA MET A 51 -6.79 -2.45 -10.38
C MET A 51 -8.15 -2.38 -9.69
N VAL A 52 -8.49 -3.40 -8.91
CA VAL A 52 -9.79 -3.40 -8.22
C VAL A 52 -9.70 -3.93 -6.79
N ASP A 53 -10.57 -3.40 -5.93
CA ASP A 53 -10.65 -3.85 -4.55
C ASP A 53 -11.57 -5.07 -4.50
N VAL A 54 -11.11 -6.15 -3.87
CA VAL A 54 -11.97 -7.32 -3.72
C VAL A 54 -12.27 -7.24 -2.22
N TRP A 55 -13.35 -6.52 -1.90
CA TRP A 55 -13.77 -6.26 -0.54
C TRP A 55 -14.20 -7.42 0.35
N TRP A 56 -13.45 -7.63 1.43
CA TRP A 56 -13.76 -8.68 2.40
C TRP A 56 -15.16 -8.50 2.98
N GLY A 57 -15.53 -7.24 3.25
CA GLY A 57 -16.84 -6.94 3.81
C GLY A 57 -18.04 -7.28 2.93
N ILE A 58 -17.81 -7.41 1.62
CA ILE A 58 -18.89 -7.75 0.71
C ILE A 58 -18.97 -9.26 0.48
N ILE A 59 -17.82 -9.88 0.30
CA ILE A 59 -17.73 -11.31 0.01
C ILE A 59 -18.04 -12.28 1.15
N GLU A 60 -17.48 -12.04 2.34
CA GLU A 60 -17.73 -12.93 3.48
C GLU A 60 -18.68 -12.25 4.47
N LEU A 61 -19.71 -11.59 3.94
CA LEU A 61 -20.68 -10.86 4.76
C LEU A 61 -21.61 -11.70 5.62
N LYS A 62 -22.25 -12.70 5.03
CA LYS A 62 -23.21 -13.53 5.75
C LYS A 62 -22.68 -14.24 7.00
N GLY A 63 -21.45 -14.73 6.94
CA GLY A 63 -20.89 -15.42 8.08
C GLY A 63 -19.54 -16.04 7.78
N PRO A 64 -18.92 -16.73 8.75
CA PRO A 64 -17.63 -17.36 8.52
C PRO A 64 -17.63 -18.33 7.35
N LYS A 65 -16.73 -18.08 6.40
CA LYS A 65 -16.59 -18.91 5.19
C LYS A 65 -17.82 -18.94 4.29
N GLN A 66 -18.67 -17.92 4.41
CA GLN A 66 -19.88 -17.81 3.58
C GLN A 66 -19.54 -16.87 2.43
N TYR A 67 -18.67 -17.33 1.53
CA TYR A 67 -18.27 -16.50 0.39
C TYR A 67 -19.21 -16.55 -0.79
N ASP A 68 -19.38 -15.40 -1.44
CA ASP A 68 -20.20 -15.29 -2.64
C ASP A 68 -19.28 -14.53 -3.61
N TRP A 69 -18.73 -15.25 -4.58
CA TRP A 69 -17.81 -14.66 -5.55
C TRP A 69 -18.47 -14.32 -6.88
N ARG A 70 -19.77 -14.57 -7.00
CA ARG A 70 -20.47 -14.34 -8.26
C ARG A 70 -20.31 -12.98 -8.93
N ALA A 71 -20.59 -11.90 -8.20
CA ALA A 71 -20.46 -10.56 -8.78
C ALA A 71 -19.05 -10.30 -9.29
N TYR A 72 -18.06 -10.66 -8.48
CA TYR A 72 -16.67 -10.46 -8.90
C TYR A 72 -16.30 -11.32 -10.11
N ARG A 73 -16.96 -12.46 -10.28
CA ARG A 73 -16.67 -13.30 -11.44
C ARG A 73 -17.16 -12.58 -12.69
N SER A 74 -18.31 -11.91 -12.59
CA SER A 74 -18.85 -11.17 -13.72
C SER A 74 -17.95 -10.00 -14.10
N LEU A 75 -17.40 -9.33 -13.09
CA LEU A 75 -16.51 -8.19 -13.31
C LEU A 75 -15.23 -8.64 -14.01
N LEU A 76 -14.59 -9.67 -13.48
CA LEU A 76 -13.35 -10.18 -14.09
C LEU A 76 -13.59 -10.63 -15.53
N GLN A 77 -14.76 -11.22 -15.77
CA GLN A 77 -15.09 -11.68 -17.11
C GLN A 77 -15.10 -10.48 -18.06
N LEU A 78 -15.72 -9.39 -17.63
CA LEU A 78 -15.79 -8.19 -18.46
C LEU A 78 -14.41 -7.60 -18.71
N VAL A 79 -13.59 -7.51 -17.68
CA VAL A 79 -12.24 -6.96 -17.83
C VAL A 79 -11.50 -7.78 -18.88
N GLN A 80 -11.59 -9.11 -18.75
CA GLN A 80 -10.92 -10.01 -19.68
C GLN A 80 -11.40 -9.74 -21.11
N GLU A 81 -12.71 -9.59 -21.27
CA GLU A 81 -13.29 -9.33 -22.57
C GLU A 81 -12.79 -8.02 -23.18
N CYS A 82 -12.47 -7.06 -22.33
CA CYS A 82 -11.99 -5.77 -22.80
C CYS A 82 -10.48 -5.73 -23.05
N GLY A 83 -9.82 -6.88 -22.99
CA GLY A 83 -8.39 -6.95 -23.25
C GLY A 83 -7.47 -6.26 -22.27
N LEU A 84 -7.83 -6.33 -20.98
CA LEU A 84 -7.03 -5.71 -19.94
C LEU A 84 -6.61 -6.74 -18.90
N THR A 85 -5.46 -6.50 -18.27
CA THR A 85 -5.00 -7.40 -17.21
C THR A 85 -5.53 -6.82 -15.91
N LEU A 86 -5.33 -7.52 -14.80
CA LEU A 86 -5.88 -7.03 -13.55
C LEU A 86 -4.99 -7.18 -12.32
N GLN A 87 -5.00 -6.15 -11.48
CA GLN A 87 -4.26 -6.17 -10.22
C GLN A 87 -5.40 -6.31 -9.20
N ALA A 88 -5.42 -7.44 -8.49
CA ALA A 88 -6.48 -7.68 -7.51
C ALA A 88 -6.02 -7.40 -6.09
N ILE A 89 -6.75 -6.53 -5.39
CA ILE A 89 -6.42 -6.20 -4.02
C ILE A 89 -7.25 -7.02 -3.05
N MET A 90 -6.59 -7.72 -2.13
CA MET A 90 -7.31 -8.47 -1.12
C MET A 90 -7.60 -7.38 -0.08
N SER A 91 -8.77 -6.75 -0.19
CA SER A 91 -9.14 -5.66 0.70
C SER A 91 -9.82 -6.07 2.00
N PHE A 92 -9.00 -6.23 3.03
CA PHE A 92 -9.45 -6.62 4.35
C PHE A 92 -9.72 -5.40 5.22
N HIS A 93 -9.99 -4.27 4.58
CA HIS A 93 -10.23 -3.03 5.30
C HIS A 93 -11.56 -2.40 4.91
N GLN A 94 -11.94 -1.36 5.64
CA GLN A 94 -13.18 -0.66 5.37
C GLN A 94 -13.00 0.52 4.43
N CYS A 95 -13.98 0.77 3.58
CA CYS A 95 -13.92 1.91 2.69
C CYS A 95 -14.88 2.93 3.29
N GLY A 96 -14.43 4.18 3.45
CA GLY A 96 -15.31 5.18 4.01
C GLY A 96 -14.70 6.35 4.79
N GLY A 97 -13.78 6.05 5.69
CA GLY A 97 -13.20 7.12 6.49
C GLY A 97 -11.94 7.82 5.97
N ASN A 98 -11.45 7.43 4.80
CA ASN A 98 -10.25 8.04 4.27
C ASN A 98 -10.50 8.92 3.04
N VAL A 99 -9.52 9.75 2.70
CA VAL A 99 -9.67 10.66 1.58
C VAL A 99 -10.09 9.96 0.29
N GLY A 100 -11.12 10.52 -0.36
CA GLY A 100 -11.61 9.95 -1.61
C GLY A 100 -12.64 8.85 -1.48
N ASP A 101 -12.82 8.32 -0.26
CA ASP A 101 -13.79 7.25 -0.05
C ASP A 101 -15.23 7.74 -0.15
N ILE A 102 -15.79 7.70 -1.37
CA ILE A 102 -17.16 8.15 -1.60
C ILE A 102 -18.23 7.10 -1.37
N VAL A 103 -17.85 5.92 -0.92
CA VAL A 103 -18.81 4.86 -0.64
C VAL A 103 -18.43 4.19 0.68
N ASN A 104 -19.43 3.66 1.40
CA ASN A 104 -19.15 3.00 2.66
C ASN A 104 -19.22 1.49 2.57
N ILE A 105 -18.09 0.84 2.82
CA ILE A 105 -18.00 -0.61 2.78
C ILE A 105 -17.28 -1.08 4.04
N PRO A 106 -18.06 -1.49 5.07
CA PRO A 106 -17.46 -1.95 6.32
C PRO A 106 -16.92 -3.36 6.19
N ILE A 107 -16.17 -3.80 7.19
CA ILE A 107 -15.66 -5.17 7.16
C ILE A 107 -16.90 -6.00 7.49
N PRO A 108 -16.81 -7.34 7.38
CA PRO A 108 -17.97 -8.21 7.67
C PRO A 108 -18.71 -7.93 8.98
N GLN A 109 -20.04 -7.85 8.89
CA GLN A 109 -20.88 -7.58 10.05
C GLN A 109 -20.67 -8.57 11.19
N TRP A 110 -20.46 -9.84 10.84
CA TRP A 110 -20.25 -10.83 11.89
C TRP A 110 -18.98 -10.57 12.67
N VAL A 111 -18.01 -9.90 12.06
CA VAL A 111 -16.79 -9.57 12.77
C VAL A 111 -17.09 -8.39 13.68
N LEU A 112 -17.85 -7.43 13.16
CA LEU A 112 -18.24 -6.25 13.94
C LEU A 112 -19.06 -6.65 15.17
N ASP A 113 -19.88 -7.70 15.03
CA ASP A 113 -20.68 -8.16 16.15
C ASP A 113 -19.76 -8.61 17.28
N ILE A 114 -18.70 -9.34 16.95
CA ILE A 114 -17.74 -9.79 17.94
C ILE A 114 -17.10 -8.56 18.59
N GLY A 115 -16.89 -7.53 17.78
CA GLY A 115 -16.28 -6.30 18.27
C GLY A 115 -17.14 -5.57 19.27
N GLU A 116 -18.44 -5.88 19.28
CA GLU A 116 -19.36 -5.25 20.23
C GLU A 116 -19.12 -5.78 21.64
N SER A 117 -18.69 -7.03 21.73
CA SER A 117 -18.42 -7.63 23.03
C SER A 117 -16.94 -7.56 23.39
N ASN A 118 -16.09 -7.35 22.39
CA ASN A 118 -14.65 -7.24 22.60
C ASN A 118 -14.11 -6.09 21.76
N HIS A 119 -14.26 -4.88 22.29
CA HIS A 119 -13.82 -3.66 21.61
C HIS A 119 -12.32 -3.63 21.32
N ASP A 120 -11.56 -4.52 21.94
CA ASP A 120 -10.12 -4.51 21.74
C ASP A 120 -9.59 -5.15 20.47
N ILE A 121 -10.49 -5.51 19.55
CA ILE A 121 -10.05 -6.10 18.30
C ILE A 121 -9.77 -4.99 17.29
N PHE A 122 -10.02 -3.74 17.70
CA PHE A 122 -9.80 -2.57 16.86
C PHE A 122 -8.63 -1.71 17.32
N TYR A 123 -7.95 -1.07 16.37
CA TYR A 123 -6.84 -0.18 16.71
C TYR A 123 -7.44 0.87 17.66
N THR A 124 -6.74 1.15 18.74
CA THR A 124 -7.22 2.11 19.74
C THR A 124 -6.18 3.15 20.07
N ASN A 125 -6.60 4.41 20.15
CA ASN A 125 -5.67 5.48 20.48
C ASN A 125 -5.68 5.69 21.99
N ARG A 126 -4.80 6.58 22.47
CA ARG A 126 -4.68 6.82 23.90
C ARG A 126 -5.98 7.24 24.60
N SER A 127 -6.83 7.99 23.89
CA SER A 127 -8.10 8.44 24.44
C SER A 127 -9.11 7.31 24.58
N GLY A 128 -8.88 6.21 23.88
CA GLY A 128 -9.79 5.08 23.97
C GLY A 128 -10.75 4.96 22.80
N THR A 129 -10.54 5.77 21.77
CA THR A 129 -11.41 5.71 20.59
C THR A 129 -11.04 4.47 19.77
N ARG A 130 -12.04 3.65 19.45
CA ARG A 130 -11.81 2.44 18.67
C ARG A 130 -12.03 2.72 17.19
N ASN A 131 -11.05 2.36 16.36
CA ASN A 131 -11.15 2.55 14.92
C ASN A 131 -11.58 1.21 14.32
N LYS A 132 -12.74 1.18 13.68
CA LYS A 132 -13.25 -0.08 13.14
C LYS A 132 -12.92 -0.40 11.69
N GLU A 133 -11.96 0.32 11.09
CA GLU A 133 -11.64 0.07 9.69
C GLU A 133 -10.73 -1.12 9.42
N TYR A 134 -10.10 -1.66 10.46
CA TYR A 134 -9.17 -2.78 10.30
C TYR A 134 -8.96 -3.44 11.66
N LEU A 135 -8.68 -4.74 11.68
CA LEU A 135 -8.45 -5.45 12.93
C LEU A 135 -7.01 -5.23 13.36
N THR A 136 -6.81 -4.85 14.62
CA THR A 136 -5.46 -4.60 15.12
C THR A 136 -4.54 -5.80 14.96
N VAL A 137 -3.25 -5.52 14.76
CA VAL A 137 -2.25 -6.58 14.62
C VAL A 137 -2.23 -7.39 15.91
N GLY A 138 -2.76 -6.78 16.97
CA GLY A 138 -2.80 -7.46 18.26
C GLY A 138 -3.56 -8.78 18.25
N VAL A 139 -4.53 -8.93 17.35
CA VAL A 139 -5.30 -10.17 17.29
C VAL A 139 -4.97 -11.07 16.10
N ASP A 140 -3.85 -10.79 15.44
CA ASP A 140 -3.42 -11.61 14.30
C ASP A 140 -3.45 -13.09 14.61
N ASN A 141 -2.98 -13.45 15.81
CA ASN A 141 -2.94 -14.86 16.19
C ASN A 141 -3.82 -15.23 17.40
N GLU A 142 -4.88 -14.45 17.62
CA GLU A 142 -5.81 -14.72 18.71
C GLU A 142 -6.99 -15.45 18.07
N PRO A 143 -7.27 -16.69 18.50
CA PRO A 143 -8.37 -17.48 17.96
C PRO A 143 -9.73 -17.10 18.55
N ILE A 144 -10.08 -15.82 18.43
CA ILE A 144 -11.32 -15.31 19.00
C ILE A 144 -12.46 -15.05 18.01
N PHE A 145 -12.25 -15.37 16.74
CA PHE A 145 -13.28 -15.15 15.73
C PHE A 145 -13.92 -16.49 15.37
N HIS A 146 -14.81 -16.96 16.25
CA HIS A 146 -15.50 -18.22 16.08
C HIS A 146 -14.49 -19.34 15.80
N GLY A 147 -13.40 -19.34 16.56
CA GLY A 147 -12.39 -20.37 16.38
C GLY A 147 -11.19 -20.02 15.53
N ARG A 148 -11.32 -19.03 14.66
CA ARG A 148 -10.19 -18.64 13.82
C ARG A 148 -9.47 -17.39 14.32
N THR A 149 -8.20 -17.26 13.93
CA THR A 149 -7.43 -16.09 14.29
C THR A 149 -7.64 -15.15 13.10
N ALA A 150 -7.21 -13.90 13.22
CA ALA A 150 -7.39 -12.96 12.13
C ALA A 150 -6.60 -13.40 10.89
N ILE A 151 -5.38 -13.92 11.10
CA ILE A 151 -4.55 -14.37 9.99
C ILE A 151 -5.16 -15.56 9.25
N GLU A 152 -5.84 -16.45 9.97
CA GLU A 152 -6.48 -17.60 9.34
C GLU A 152 -7.65 -17.12 8.50
N ILE A 153 -8.32 -16.06 8.95
CA ILE A 153 -9.44 -15.50 8.20
C ILE A 153 -8.91 -14.97 6.88
N TYR A 154 -7.82 -14.22 6.94
CA TYR A 154 -7.22 -13.67 5.73
C TYR A 154 -6.74 -14.80 4.82
N SER A 155 -6.12 -15.81 5.41
CA SER A 155 -5.60 -16.95 4.66
C SER A 155 -6.72 -17.73 3.96
N ASP A 156 -7.78 -18.04 4.68
CA ASP A 156 -8.90 -18.77 4.10
C ASP A 156 -9.53 -18.00 2.95
N TYR A 157 -9.59 -16.68 3.09
CA TYR A 157 -10.18 -15.80 2.09
C TYR A 157 -9.40 -15.85 0.78
N MET A 158 -8.07 -15.77 0.89
CA MET A 158 -7.23 -15.79 -0.31
C MET A 158 -7.25 -17.16 -1.00
N LYS A 159 -7.33 -18.22 -0.21
CA LYS A 159 -7.37 -19.57 -0.78
C LYS A 159 -8.68 -19.76 -1.54
N SER A 160 -9.78 -19.32 -0.94
CA SER A 160 -11.08 -19.43 -1.60
C SER A 160 -11.06 -18.63 -2.90
N PHE A 161 -10.40 -17.48 -2.89
CA PHE A 161 -10.31 -16.64 -4.08
C PHE A 161 -9.56 -17.40 -5.16
N ARG A 162 -8.40 -17.95 -4.79
CA ARG A 162 -7.58 -18.70 -5.72
C ARG A 162 -8.35 -19.86 -6.36
N GLU A 163 -9.02 -20.66 -5.56
CA GLU A 163 -9.78 -21.79 -6.07
C GLU A 163 -10.99 -21.38 -6.92
N ASN A 164 -11.73 -20.36 -6.49
CA ASN A 164 -12.90 -19.93 -7.24
C ASN A 164 -12.63 -19.10 -8.50
N MET A 165 -11.46 -18.49 -8.58
CA MET A 165 -11.09 -17.69 -9.75
C MET A 165 -9.97 -18.43 -10.50
N SER A 166 -9.85 -19.73 -10.27
CA SER A 166 -8.80 -20.52 -10.91
C SER A 166 -8.71 -20.38 -12.43
N ASP A 167 -9.86 -20.28 -13.09
CA ASP A 167 -9.85 -20.15 -14.55
C ASP A 167 -9.26 -18.82 -14.99
N PHE A 168 -9.56 -17.75 -14.25
CA PHE A 168 -9.02 -16.44 -14.60
C PHE A 168 -7.52 -16.41 -14.35
N LEU A 169 -7.08 -17.04 -13.26
CA LEU A 169 -5.66 -17.08 -12.93
C LEU A 169 -4.89 -17.85 -13.99
N GLU A 170 -5.43 -18.98 -14.42
CA GLU A 170 -4.77 -19.80 -15.43
C GLU A 170 -4.66 -19.11 -16.79
N SER A 171 -5.70 -18.35 -17.15
CA SER A 171 -5.70 -17.66 -18.44
C SER A 171 -4.78 -16.43 -18.45
N GLY A 172 -4.17 -16.13 -17.30
CA GLY A 172 -3.27 -14.99 -17.21
C GLY A 172 -3.92 -13.64 -17.07
N LEU A 173 -5.16 -13.59 -16.61
CA LEU A 173 -5.86 -12.32 -16.45
C LEU A 173 -5.27 -11.48 -15.31
N ILE A 174 -5.00 -12.12 -14.18
CA ILE A 174 -4.49 -11.43 -13.00
C ILE A 174 -2.96 -11.33 -13.00
N ILE A 175 -2.47 -10.08 -13.03
CA ILE A 175 -1.04 -9.80 -13.06
C ILE A 175 -0.39 -9.86 -11.67
N ASP A 176 -1.05 -9.30 -10.66
CA ASP A 176 -0.52 -9.35 -9.31
C ASP A 176 -1.63 -9.27 -8.26
N ILE A 177 -1.34 -9.80 -7.08
CA ILE A 177 -2.26 -9.82 -5.95
C ILE A 177 -1.72 -8.84 -4.91
N GLU A 178 -2.46 -7.78 -4.63
CA GLU A 178 -2.04 -6.78 -3.65
C GLU A 178 -2.66 -7.18 -2.31
N VAL A 179 -1.82 -7.62 -1.38
CA VAL A 179 -2.32 -8.06 -0.08
C VAL A 179 -2.55 -6.90 0.88
N GLY A 180 -3.83 -6.65 1.18
CA GLY A 180 -4.17 -5.57 2.10
C GLY A 180 -3.63 -5.89 3.48
N LEU A 181 -2.89 -4.95 4.07
CA LEU A 181 -2.28 -5.16 5.36
C LEU A 181 -2.64 -4.13 6.43
N GLY A 182 -3.64 -3.30 6.15
CA GLY A 182 -4.06 -2.30 7.11
C GLY A 182 -4.99 -1.28 6.50
N PRO A 183 -5.13 -0.10 7.14
CA PRO A 183 -6.00 0.97 6.66
C PRO A 183 -5.73 1.26 5.18
N ALA A 184 -6.80 1.40 4.40
CA ALA A 184 -6.68 1.68 2.97
C ALA A 184 -5.85 0.61 2.26
N GLY A 185 -5.73 -0.56 2.90
CA GLY A 185 -4.97 -1.66 2.32
C GLY A 185 -3.46 -1.51 2.42
N GLU A 186 -3.01 -0.50 3.16
CA GLU A 186 -1.57 -0.25 3.32
C GLU A 186 -1.00 -0.79 4.63
N LEU A 187 0.24 -1.24 4.58
CA LEU A 187 0.92 -1.75 5.78
C LEU A 187 1.31 -0.57 6.66
N ARG A 188 0.42 -0.20 7.58
CA ARG A 188 0.67 0.93 8.46
C ARG A 188 -0.41 0.98 9.53
N TYR A 189 -0.22 1.88 10.49
CA TYR A 189 -1.20 2.06 11.57
C TYR A 189 -2.09 3.21 11.09
N PRO A 190 -3.35 3.23 11.53
CA PRO A 190 -4.25 4.31 11.10
C PRO A 190 -3.98 5.55 11.96
N SER A 191 -2.77 6.11 11.84
CA SER A 191 -2.37 7.27 12.62
C SER A 191 -2.97 8.62 12.20
N TYR A 192 -3.52 8.68 10.98
CA TYR A 192 -4.14 9.91 10.51
C TYR A 192 -5.56 9.67 10.03
N PRO A 193 -6.49 9.41 10.97
CA PRO A 193 -7.90 9.14 10.66
C PRO A 193 -8.75 10.39 10.50
N GLN A 194 -9.19 10.68 9.28
CA GLN A 194 -10.05 11.83 9.06
C GLN A 194 -11.33 11.67 9.87
N SER A 195 -11.75 10.43 10.08
CA SER A 195 -12.97 10.15 10.82
C SER A 195 -12.88 10.56 12.29
N GLN A 196 -11.68 10.83 12.79
CA GLN A 196 -11.51 11.26 14.17
C GLN A 196 -11.05 12.70 14.24
N GLY A 197 -11.16 13.41 13.11
CA GLY A 197 -10.79 14.80 13.08
C GLY A 197 -9.39 15.14 12.62
N TRP A 198 -8.59 14.15 12.24
CA TRP A 198 -7.24 14.45 11.79
C TRP A 198 -7.26 15.36 10.58
N GLU A 199 -6.28 16.24 10.50
CA GLU A 199 -6.19 17.19 9.41
C GLU A 199 -4.73 17.46 9.04
N PHE A 200 -4.41 17.32 7.76
CA PHE A 200 -3.05 17.57 7.27
C PHE A 200 -2.66 19.00 7.69
N PRO A 201 -1.44 19.21 8.19
CA PRO A 201 -0.37 18.22 8.38
C PRO A 201 -0.20 17.77 9.83
N GLY A 202 -1.28 17.33 10.47
CA GLY A 202 -1.17 16.87 11.85
C GLY A 202 -0.21 15.70 11.96
N ILE A 203 0.51 15.62 13.08
CA ILE A 203 1.48 14.54 13.29
C ILE A 203 0.82 13.16 13.44
N GLY A 204 -0.46 13.14 13.80
CA GLY A 204 -1.13 11.86 13.98
C GLY A 204 -0.91 11.31 15.37
N GLU A 205 -1.45 10.13 15.65
CA GLU A 205 -1.30 9.52 16.97
C GLU A 205 -0.96 8.03 16.92
N PHE A 206 -0.18 7.58 17.89
CA PHE A 206 0.18 6.17 17.98
C PHE A 206 -1.12 5.40 18.20
N GLN A 207 -1.20 4.19 17.65
CA GLN A 207 -2.41 3.38 17.76
C GLN A 207 -2.11 2.03 18.37
N CYS A 208 -1.43 2.03 19.51
CA CYS A 208 -1.04 0.80 20.18
C CYS A 208 -1.70 0.66 21.54
N TYR A 209 -2.90 1.22 21.71
CA TYR A 209 -3.54 1.14 23.01
C TYR A 209 -4.61 0.07 23.25
N ASP A 210 -4.84 -0.81 22.29
CA ASP A 210 -5.81 -1.88 22.53
C ASP A 210 -5.14 -2.80 23.56
N LYS A 211 -5.92 -3.57 24.31
CA LYS A 211 -5.37 -4.42 25.37
C LYS A 211 -4.34 -5.46 24.95
N TYR A 212 -4.46 -5.97 23.73
CA TYR A 212 -3.52 -6.97 23.27
C TYR A 212 -2.14 -6.37 23.05
N LEU A 213 -2.08 -5.25 22.34
CA LEU A 213 -0.79 -4.59 22.11
C LEU A 213 -0.20 -4.05 23.40
N LYS A 214 -1.05 -3.49 24.26
CA LYS A 214 -0.58 -2.94 25.53
C LYS A 214 0.04 -4.05 26.38
N ALA A 215 -0.59 -5.22 26.40
CA ALA A 215 -0.08 -6.34 27.16
C ALA A 215 1.26 -6.81 26.59
N ASP A 216 1.35 -6.89 25.27
CA ASP A 216 2.58 -7.32 24.63
C ASP A 216 3.71 -6.36 24.95
N PHE A 217 3.43 -5.06 24.91
CA PHE A 217 4.43 -4.04 25.20
C PHE A 217 4.93 -4.19 26.63
N LYS A 218 4.00 -4.29 27.58
CA LYS A 218 4.37 -4.43 29.00
C LYS A 218 5.24 -5.65 29.23
N ALA A 219 4.92 -6.76 28.57
CA ALA A 219 5.71 -7.98 28.73
C ALA A 219 7.11 -7.72 28.15
N ALA A 220 7.13 -7.05 27.01
CA ALA A 220 8.38 -6.72 26.32
C ALA A 220 9.32 -5.86 27.16
N VAL A 221 8.82 -4.78 27.73
CA VAL A 221 9.67 -3.90 28.53
C VAL A 221 10.14 -4.60 29.79
N ALA A 222 9.32 -5.53 30.30
CA ALA A 222 9.70 -6.27 31.50
C ALA A 222 10.91 -7.15 31.17
N ARG A 223 10.87 -7.81 30.03
CA ARG A 223 11.98 -8.67 29.63
C ARG A 223 13.24 -7.84 29.32
N ALA A 224 13.05 -6.56 29.07
CA ALA A 224 14.16 -5.67 28.77
C ALA A 224 14.72 -5.08 30.06
N GLY A 225 14.11 -5.43 31.18
CA GLY A 225 14.56 -4.95 32.47
C GLY A 225 13.97 -3.63 32.93
N HIS A 226 12.89 -3.20 32.28
CA HIS A 226 12.25 -1.94 32.65
C HIS A 226 10.74 -2.13 32.67
N PRO A 227 10.25 -2.95 33.60
CA PRO A 227 8.82 -3.23 33.73
C PRO A 227 7.97 -1.99 33.99
N GLU A 228 8.61 -0.94 34.47
CA GLU A 228 7.90 0.30 34.78
C GLU A 228 7.61 1.17 33.57
N TRP A 229 8.27 0.90 32.44
CA TRP A 229 8.03 1.69 31.23
C TRP A 229 6.58 1.57 30.78
N GLU A 230 5.99 2.71 30.40
CA GLU A 230 4.61 2.76 29.94
C GLU A 230 4.58 3.25 28.50
N LEU A 231 3.46 3.04 27.81
CA LEU A 231 3.32 3.51 26.44
C LEU A 231 3.40 5.04 26.47
N PRO A 232 3.73 5.67 25.33
CA PRO A 232 3.84 7.13 25.24
C PRO A 232 2.64 7.88 25.79
N ASP A 233 2.88 8.90 26.60
CA ASP A 233 1.79 9.69 27.15
C ASP A 233 2.07 11.18 26.99
N ASP A 234 3.11 11.50 26.23
CA ASP A 234 3.50 12.89 25.98
C ASP A 234 3.66 13.16 24.47
N ALA A 235 2.97 12.36 23.66
CA ALA A 235 3.06 12.50 22.20
C ALA A 235 2.05 13.46 21.60
N GLY A 236 1.24 14.10 22.43
CA GLY A 236 0.25 15.03 21.93
C GLY A 236 -0.93 14.39 21.24
N LYS A 237 -1.61 15.14 20.38
CA LYS A 237 -2.78 14.64 19.68
C LYS A 237 -2.68 14.79 18.15
N TYR A 238 -3.62 14.16 17.46
CA TYR A 238 -3.67 14.17 15.99
C TYR A 238 -3.20 15.41 15.24
N ASN A 239 -3.77 16.57 15.57
CA ASN A 239 -3.44 17.81 14.87
C ASN A 239 -2.33 18.69 15.46
N ASP A 240 -1.53 18.13 16.36
CA ASP A 240 -0.42 18.87 16.96
C ASP A 240 0.76 18.93 15.99
N VAL A 241 1.74 19.78 16.32
CA VAL A 241 2.96 19.88 15.54
C VAL A 241 3.98 19.26 16.48
N PRO A 242 5.05 18.66 15.94
CA PRO A 242 6.09 18.03 16.77
C PRO A 242 6.70 18.83 17.92
N GLU A 243 7.00 20.10 17.69
CA GLU A 243 7.62 20.92 18.73
C GLU A 243 6.71 21.18 19.93
N SER A 244 5.42 20.92 19.81
CA SER A 244 4.52 21.16 20.92
C SER A 244 4.28 19.92 21.77
N THR A 245 5.07 18.88 21.53
CA THR A 245 4.93 17.63 22.29
C THR A 245 6.23 17.27 23.00
N GLY A 246 6.12 16.55 24.10
CA GLY A 246 7.30 16.15 24.82
C GLY A 246 8.02 15.02 24.13
N PHE A 247 7.26 14.18 23.43
CA PHE A 247 7.82 13.02 22.73
C PHE A 247 8.69 13.35 21.53
N PHE A 248 8.23 14.27 20.69
CA PHE A 248 8.94 14.64 19.46
C PHE A 248 9.79 15.90 19.48
N LYS A 249 9.75 16.67 20.55
CA LYS A 249 10.55 17.90 20.59
C LYS A 249 12.03 17.54 20.63
N SER A 250 12.88 18.52 20.36
CA SER A 250 14.31 18.32 20.39
C SER A 250 14.70 17.70 21.73
N ASN A 251 15.58 16.69 21.70
CA ASN A 251 16.00 15.98 22.91
C ASN A 251 14.82 15.35 23.64
N GLY A 252 13.71 15.18 22.92
CA GLY A 252 12.51 14.61 23.52
C GLY A 252 12.57 13.13 23.81
N THR A 253 11.42 12.57 24.22
CA THR A 253 11.32 11.17 24.54
C THR A 253 11.71 10.21 23.41
N TYR A 254 11.41 10.58 22.17
CA TYR A 254 11.72 9.69 21.04
C TYR A 254 13.19 9.34 20.93
N VAL A 255 14.04 10.13 21.58
CA VAL A 255 15.47 9.92 21.52
C VAL A 255 16.05 9.23 22.76
N THR A 256 15.21 8.99 23.76
CA THR A 256 15.65 8.33 24.99
C THR A 256 15.59 6.81 24.79
N GLU A 257 16.20 6.07 25.72
CA GLU A 257 16.21 4.60 25.66
C GLU A 257 14.77 4.05 25.64
N LYS A 258 13.93 4.63 26.50
CA LYS A 258 12.54 4.26 26.60
C LYS A 258 11.83 4.48 25.27
N GLY A 259 12.07 5.66 24.68
CA GLY A 259 11.45 6.00 23.41
C GLY A 259 11.92 5.15 22.24
N LYS A 260 13.22 4.87 22.20
CA LYS A 260 13.76 4.06 21.11
C LYS A 260 13.26 2.63 21.20
N PHE A 261 13.11 2.12 22.43
CA PHE A 261 12.61 0.77 22.60
C PHE A 261 11.18 0.69 22.08
N PHE A 262 10.35 1.64 22.50
CA PHE A 262 8.97 1.69 22.05
C PHE A 262 8.86 1.74 20.53
N LEU A 263 9.57 2.70 19.93
CA LEU A 263 9.53 2.86 18.48
C LEU A 263 9.98 1.61 17.73
N THR A 264 10.96 0.89 18.28
CA THR A 264 11.46 -0.32 17.63
C THR A 264 10.38 -1.40 17.74
N TRP A 265 9.78 -1.50 18.92
CA TRP A 265 8.72 -2.47 19.19
C TRP A 265 7.49 -2.20 18.31
N TYR A 266 7.10 -0.93 18.22
CA TYR A 266 5.95 -0.48 17.45
C TYR A 266 6.11 -0.78 15.95
N SER A 267 7.28 -0.46 15.40
CA SER A 267 7.54 -0.70 13.98
C SER A 267 7.78 -2.17 13.64
N ASN A 268 8.34 -2.93 14.58
CA ASN A 268 8.60 -4.35 14.36
C ASN A 268 7.27 -5.13 14.22
N LYS A 269 6.24 -4.67 14.93
CA LYS A 269 4.94 -5.33 14.86
C LYS A 269 4.41 -5.32 13.43
N LEU A 270 4.65 -4.23 12.69
CA LEU A 270 4.21 -4.13 11.30
C LEU A 270 5.01 -5.04 10.40
N LEU A 271 6.32 -5.10 10.64
CA LEU A 271 7.18 -5.95 9.83
C LEU A 271 6.72 -7.39 9.96
N ASN A 272 6.43 -7.82 11.18
CA ASN A 272 6.01 -9.19 11.42
C ASN A 272 4.59 -9.46 10.94
N HIS A 273 3.73 -8.45 11.07
CA HIS A 273 2.36 -8.55 10.62
C HIS A 273 2.41 -8.85 9.12
N GLY A 274 3.15 -8.03 8.39
CA GLY A 274 3.27 -8.21 6.96
C GLY A 274 3.91 -9.54 6.59
N ASP A 275 5.02 -9.87 7.24
CA ASP A 275 5.74 -11.10 6.94
C ASP A 275 4.87 -12.35 7.12
N GLN A 276 4.11 -12.39 8.21
CA GLN A 276 3.25 -13.54 8.51
C GLN A 276 2.10 -13.70 7.53
N ILE A 277 1.45 -12.60 7.17
CA ILE A 277 0.33 -12.69 6.24
C ILE A 277 0.83 -13.00 4.83
N LEU A 278 1.99 -12.47 4.48
CA LEU A 278 2.56 -12.74 3.16
C LEU A 278 2.85 -14.24 3.05
N ASP A 279 3.25 -14.85 4.17
CA ASP A 279 3.51 -16.30 4.19
C ASP A 279 2.25 -17.04 3.75
N GLU A 280 1.11 -16.62 4.29
CA GLU A 280 -0.17 -17.23 3.96
C GLU A 280 -0.53 -16.98 2.50
N ALA A 281 -0.20 -15.79 2.01
CA ALA A 281 -0.47 -15.42 0.62
C ALA A 281 0.37 -16.27 -0.35
N ASN A 282 1.62 -16.52 0.02
CA ASN A 282 2.50 -17.32 -0.82
C ASN A 282 1.93 -18.73 -0.95
N LYS A 283 1.45 -19.28 0.16
CA LYS A 283 0.87 -20.63 0.15
C LYS A 283 -0.39 -20.71 -0.69
N ALA A 284 -1.28 -19.74 -0.50
CA ALA A 284 -2.55 -19.71 -1.22
C ALA A 284 -2.43 -19.59 -2.73
N PHE A 285 -1.44 -18.83 -3.21
CA PHE A 285 -1.27 -18.63 -4.64
C PHE A 285 -0.08 -19.39 -5.23
N LEU A 286 0.48 -20.30 -4.45
CA LEU A 286 1.62 -21.09 -4.90
C LEU A 286 1.35 -21.70 -6.27
N GLY A 287 2.31 -21.58 -7.19
CA GLY A 287 2.14 -22.15 -8.51
C GLY A 287 1.39 -21.27 -9.51
N CYS A 288 0.68 -20.26 -9.02
CA CYS A 288 -0.07 -19.37 -9.91
C CYS A 288 0.85 -18.39 -10.60
N LYS A 289 0.50 -18.02 -11.83
CA LYS A 289 1.29 -17.06 -12.59
C LYS A 289 0.93 -15.63 -12.18
N VAL A 290 1.30 -15.27 -10.96
CA VAL A 290 1.04 -13.93 -10.44
C VAL A 290 2.17 -13.57 -9.53
N LYS A 291 2.24 -12.30 -9.15
CA LYS A 291 3.25 -11.82 -8.23
C LYS A 291 2.50 -11.23 -7.06
N LEU A 292 3.15 -11.16 -5.91
CA LEU A 292 2.52 -10.61 -4.73
C LEU A 292 3.02 -9.19 -4.53
N ALA A 293 2.20 -8.35 -3.91
CA ALA A 293 2.59 -6.98 -3.67
C ALA A 293 1.94 -6.46 -2.41
N ILE A 294 2.56 -5.44 -1.80
CA ILE A 294 1.99 -4.82 -0.62
C ILE A 294 2.06 -3.34 -0.89
N LYS A 295 1.29 -2.55 -0.16
CA LYS A 295 1.29 -1.12 -0.35
C LYS A 295 1.89 -0.41 0.85
N VAL A 296 2.80 0.52 0.55
CA VAL A 296 3.46 1.32 1.59
C VAL A 296 3.03 2.76 1.34
N SER A 297 2.52 3.40 2.39
CA SER A 297 2.03 4.77 2.31
C SER A 297 3.16 5.80 2.21
N GLY A 298 2.86 6.95 1.62
CA GLY A 298 3.84 8.01 1.48
C GLY A 298 3.52 9.12 2.46
N ILE A 299 4.21 9.12 3.59
CA ILE A 299 3.98 10.12 4.63
C ILE A 299 5.10 11.14 4.57
N HIS A 300 4.93 12.09 3.67
CA HIS A 300 5.91 13.14 3.40
C HIS A 300 5.91 14.33 4.36
N TRP A 301 4.84 14.54 5.13
CA TRP A 301 4.84 15.68 6.04
C TRP A 301 5.70 15.42 7.28
N TRP A 302 6.54 16.40 7.60
CA TRP A 302 7.50 16.38 8.72
C TRP A 302 8.73 15.56 8.38
N TYR A 303 8.84 15.17 7.10
CA TYR A 303 9.98 14.39 6.63
C TYR A 303 11.24 15.24 6.69
N LYS A 304 11.06 16.55 6.61
CA LYS A 304 12.19 17.48 6.60
C LYS A 304 12.69 17.91 7.98
N VAL A 305 12.16 17.33 9.05
CA VAL A 305 12.64 17.66 10.39
C VAL A 305 13.17 16.38 11.01
N GLU A 306 14.14 16.51 11.91
CA GLU A 306 14.74 15.35 12.55
C GLU A 306 13.83 14.29 13.12
N ASN A 307 12.67 14.70 13.63
CA ASN A 307 11.75 13.75 14.25
C ASN A 307 10.88 12.88 13.35
N HIS A 308 10.64 13.30 12.11
CA HIS A 308 9.80 12.52 11.18
C HIS A 308 8.56 12.02 11.93
N ALA A 309 7.97 12.89 12.75
CA ALA A 309 6.82 12.55 13.56
C ALA A 309 5.67 11.77 12.91
N ALA A 310 5.21 12.20 11.74
CA ALA A 310 4.10 11.53 11.07
C ALA A 310 4.45 10.11 10.65
N GLU A 311 5.67 9.91 10.17
CA GLU A 311 6.10 8.59 9.77
C GLU A 311 6.10 7.68 10.99
N LEU A 312 6.70 8.18 12.08
CA LEU A 312 6.78 7.42 13.32
C LEU A 312 5.42 6.96 13.88
N THR A 313 4.41 7.84 13.87
CA THR A 313 3.12 7.44 14.40
C THR A 313 2.42 6.43 13.49
N ALA A 314 2.81 6.42 12.22
CA ALA A 314 2.23 5.48 11.26
C ALA A 314 2.90 4.10 11.35
N GLY A 315 4.06 4.04 12.00
CA GLY A 315 4.74 2.77 12.12
C GLY A 315 6.00 2.64 11.31
N TYR A 316 6.39 3.72 10.63
CA TYR A 316 7.61 3.70 9.83
C TYR A 316 8.68 4.40 10.66
N TYR A 317 9.51 3.62 11.33
CA TYR A 317 10.57 4.17 12.18
C TYR A 317 11.71 4.67 11.32
N ASN A 318 11.46 5.78 10.62
CA ASN A 318 12.43 6.37 9.71
C ASN A 318 12.95 7.72 10.21
N LEU A 319 14.27 7.79 10.39
CA LEU A 319 14.94 9.00 10.85
C LEU A 319 16.08 9.29 9.89
N ASN A 320 16.71 10.46 10.03
CA ASN A 320 17.82 10.80 9.15
C ASN A 320 18.99 9.84 9.31
N ASP A 321 19.04 9.14 10.44
CA ASP A 321 20.12 8.18 10.68
C ASP A 321 19.62 6.77 10.92
N ARG A 322 18.40 6.48 10.45
CA ARG A 322 17.82 5.15 10.60
C ARG A 322 16.80 4.93 9.49
N ASP A 323 17.14 4.08 8.53
CA ASP A 323 16.26 3.81 7.41
C ASP A 323 15.14 2.86 7.84
N GLY A 324 13.92 3.38 7.92
CA GLY A 324 12.80 2.56 8.33
C GLY A 324 12.04 1.91 7.18
N TYR A 325 12.51 2.09 5.95
CA TYR A 325 11.84 1.52 4.79
C TYR A 325 12.59 0.33 4.19
N ARG A 326 13.92 0.39 4.17
CA ARG A 326 14.68 -0.72 3.60
C ARG A 326 14.41 -2.04 4.33
N PRO A 327 14.10 -1.99 5.63
CA PRO A 327 13.84 -3.26 6.32
C PRO A 327 12.58 -3.91 5.74
N ILE A 328 11.63 -3.09 5.34
CA ILE A 328 10.40 -3.59 4.75
C ILE A 328 10.76 -4.23 3.40
N ALA A 329 11.60 -3.55 2.63
CA ALA A 329 12.01 -4.07 1.33
C ALA A 329 12.74 -5.41 1.48
N ARG A 330 13.60 -5.53 2.48
CA ARG A 330 14.31 -6.78 2.70
C ARG A 330 13.33 -7.89 3.06
N MET A 331 12.35 -7.57 3.89
CA MET A 331 11.34 -8.55 4.30
C MET A 331 10.62 -9.06 3.05
N LEU A 332 10.27 -8.15 2.15
CA LEU A 332 9.57 -8.51 0.92
C LEU A 332 10.37 -9.43 0.00
N SER A 333 11.70 -9.35 0.07
CA SER A 333 12.53 -10.17 -0.81
C SER A 333 12.36 -11.68 -0.62
N ARG A 334 12.07 -12.13 0.60
CA ARG A 334 11.91 -13.56 0.81
C ARG A 334 10.61 -14.05 0.20
N HIS A 335 9.69 -13.13 -0.07
CA HIS A 335 8.40 -13.46 -0.67
C HIS A 335 8.40 -13.13 -2.16
N HIS A 336 9.51 -12.58 -2.65
CA HIS A 336 9.64 -12.20 -4.06
C HIS A 336 8.51 -11.23 -4.40
N ALA A 337 8.14 -10.40 -3.42
CA ALA A 337 7.05 -9.45 -3.58
C ALA A 337 7.46 -8.07 -4.06
N ILE A 338 6.46 -7.33 -4.52
CA ILE A 338 6.62 -5.99 -5.05
C ILE A 338 6.26 -4.95 -4.00
N LEU A 339 7.06 -3.90 -3.90
CA LEU A 339 6.77 -2.83 -2.95
C LEU A 339 6.07 -1.75 -3.77
N ASN A 340 4.79 -1.52 -3.48
CA ASN A 340 3.99 -0.53 -4.19
C ASN A 340 3.92 0.72 -3.31
N PHE A 341 4.67 1.75 -3.67
CA PHE A 341 4.70 3.01 -2.92
C PHE A 341 3.59 3.91 -3.45
N THR A 342 2.65 4.28 -2.59
CA THR A 342 1.49 5.07 -3.02
C THR A 342 1.52 6.60 -2.99
N CYS A 343 2.67 7.20 -3.27
CA CYS A 343 2.79 8.65 -3.32
C CYS A 343 3.91 8.95 -4.30
N LEU A 344 3.57 8.97 -5.58
CA LEU A 344 4.57 9.15 -6.62
C LEU A 344 4.50 10.45 -7.43
N GLU A 345 3.41 11.19 -7.32
CA GLU A 345 3.26 12.40 -8.12
C GLU A 345 3.59 13.76 -7.52
N MET A 346 3.87 13.82 -6.23
CA MET A 346 4.12 15.10 -5.60
C MET A 346 5.50 15.71 -5.70
N ARG A 347 5.52 17.05 -5.69
CA ARG A 347 6.75 17.82 -5.72
C ARG A 347 6.74 18.64 -4.44
N ASP A 348 7.92 18.81 -3.84
CA ASP A 348 8.05 19.56 -2.59
C ASP A 348 7.42 20.94 -2.62
N SER A 349 7.61 21.65 -3.73
CA SER A 349 7.08 23.01 -3.88
C SER A 349 5.56 23.12 -3.86
N GLU A 350 4.87 21.99 -4.06
CA GLU A 350 3.41 22.01 -4.05
C GLU A 350 2.86 21.92 -2.63
N GLN A 351 3.73 21.70 -1.65
CA GLN A 351 3.29 21.57 -0.27
C GLN A 351 3.45 22.85 0.53
N PRO A 352 2.51 23.10 1.46
CA PRO A 352 2.64 24.32 2.27
C PRO A 352 3.96 24.26 3.04
N SER A 353 4.63 25.40 3.11
CA SER A 353 5.91 25.51 3.79
C SER A 353 5.94 24.99 5.23
N ASP A 354 4.88 25.26 5.98
CA ASP A 354 4.82 24.86 7.38
C ASP A 354 4.62 23.36 7.62
N ALA A 355 4.51 22.57 6.55
CA ALA A 355 4.31 21.12 6.71
C ALA A 355 5.63 20.36 6.71
N LYS A 356 6.73 21.05 6.38
CA LYS A 356 8.05 20.44 6.32
C LYS A 356 7.96 19.14 5.52
N SER A 357 7.36 19.26 4.34
CA SER A 357 7.13 18.13 3.46
C SER A 357 8.21 17.89 2.40
N GLY A 358 8.65 16.64 2.29
CA GLY A 358 9.66 16.29 1.32
C GLY A 358 9.28 15.05 0.51
N PRO A 359 8.13 15.07 -0.19
CA PRO A 359 7.73 13.90 -0.97
C PRO A 359 8.74 13.44 -2.01
N GLN A 360 9.46 14.38 -2.62
CA GLN A 360 10.45 14.00 -3.63
C GLN A 360 11.59 13.19 -3.02
N GLU A 361 12.08 13.66 -1.86
CA GLU A 361 13.17 12.97 -1.17
C GLU A 361 12.72 11.63 -0.61
N LEU A 362 11.50 11.57 -0.12
CA LEU A 362 10.97 10.33 0.43
C LEU A 362 10.91 9.27 -0.68
N VAL A 363 10.40 9.66 -1.83
CA VAL A 363 10.30 8.74 -2.96
C VAL A 363 11.68 8.18 -3.32
N GLN A 364 12.66 9.07 -3.42
CA GLN A 364 14.01 8.66 -3.76
C GLN A 364 14.57 7.68 -2.74
N GLN A 365 14.28 7.91 -1.46
CA GLN A 365 14.76 7.02 -0.42
C GLN A 365 14.13 5.64 -0.51
N VAL A 366 12.80 5.60 -0.62
CA VAL A 366 12.08 4.33 -0.68
C VAL A 366 12.43 3.51 -1.93
N LEU A 367 12.38 4.13 -3.10
CA LEU A 367 12.69 3.39 -4.33
C LEU A 367 14.13 2.90 -4.33
N SER A 368 15.06 3.75 -3.90
CA SER A 368 16.47 3.36 -3.86
C SER A 368 16.64 2.16 -2.94
N GLY A 369 16.01 2.21 -1.76
CA GLY A 369 16.10 1.12 -0.82
C GLY A 369 15.61 -0.18 -1.42
N GLY A 370 14.55 -0.10 -2.21
CA GLY A 370 14.01 -1.29 -2.83
C GLY A 370 14.95 -1.84 -3.89
N TRP A 371 15.48 -0.98 -4.76
CA TRP A 371 16.39 -1.45 -5.79
C TRP A 371 17.66 -1.99 -5.15
N ARG A 372 18.05 -1.36 -4.05
CA ARG A 372 19.23 -1.75 -3.29
C ARG A 372 19.08 -3.21 -2.82
N GLU A 373 17.88 -3.55 -2.34
CA GLU A 373 17.57 -4.89 -1.85
C GLU A 373 17.20 -5.85 -2.97
N ASP A 374 17.29 -5.36 -4.20
CA ASP A 374 16.98 -6.15 -5.38
C ASP A 374 15.56 -6.71 -5.43
N ILE A 375 14.57 -5.86 -5.15
CA ILE A 375 13.17 -6.29 -5.25
C ILE A 375 12.52 -5.35 -6.26
N ARG A 376 11.34 -5.70 -6.72
CA ARG A 376 10.65 -4.86 -7.69
C ARG A 376 9.88 -3.75 -6.97
N VAL A 377 9.85 -2.57 -7.56
CA VAL A 377 9.15 -1.45 -6.94
C VAL A 377 8.13 -0.86 -7.91
N ALA A 378 6.89 -0.71 -7.43
CA ALA A 378 5.81 -0.14 -8.22
C ALA A 378 5.31 1.11 -7.50
N GLY A 379 4.42 1.86 -8.13
CA GLY A 379 3.94 3.07 -7.49
C GLY A 379 2.53 3.50 -7.87
N GLN A 380 2.08 4.58 -7.25
CA GLN A 380 0.74 5.09 -7.50
C GLN A 380 0.67 6.53 -7.02
N ASN A 381 -0.14 7.36 -7.68
CA ASN A 381 -0.29 8.73 -7.24
C ASN A 381 -1.18 8.69 -6.01
N ALA A 382 -0.91 9.55 -5.04
CA ALA A 382 -1.68 9.58 -3.81
C ALA A 382 -3.00 10.32 -3.95
N LEU A 383 -3.01 11.40 -4.73
CA LEU A 383 -4.21 12.20 -4.94
C LEU A 383 -4.55 12.34 -6.41
N PRO A 384 -5.85 12.53 -6.73
CA PRO A 384 -6.21 12.68 -8.14
C PRO A 384 -5.56 13.91 -8.79
N ARG A 385 -4.91 13.68 -9.93
CA ARG A 385 -4.25 14.74 -10.69
C ARG A 385 -4.52 14.48 -12.17
N TYR A 386 -4.66 15.56 -12.93
CA TYR A 386 -4.94 15.47 -14.36
C TYR A 386 -4.01 16.33 -15.17
N ASP A 387 -3.13 17.05 -14.49
CA ASP A 387 -2.18 17.96 -15.13
C ASP A 387 -0.84 17.36 -15.54
N ALA A 388 -0.20 17.99 -16.51
CA ALA A 388 1.09 17.54 -17.02
C ALA A 388 2.23 17.51 -16.01
N THR A 389 2.30 18.48 -15.09
CA THR A 389 3.39 18.47 -14.13
C THR A 389 3.35 17.20 -13.27
N ALA A 390 2.14 16.76 -12.90
CA ALA A 390 1.98 15.56 -12.10
C ALA A 390 2.44 14.35 -12.91
N TYR A 391 1.97 14.23 -14.15
CA TYR A 391 2.35 13.11 -14.99
C TYR A 391 3.85 13.11 -15.26
N ASN A 392 4.43 14.30 -15.42
CA ASN A 392 5.87 14.38 -15.67
C ASN A 392 6.69 13.95 -14.46
N GLN A 393 6.15 14.16 -13.27
CA GLN A 393 6.86 13.76 -12.05
C GLN A 393 6.79 12.22 -11.92
N ILE A 394 5.66 11.65 -12.31
CA ILE A 394 5.48 10.20 -12.25
C ILE A 394 6.43 9.51 -13.22
N ILE A 395 6.51 10.05 -14.43
CA ILE A 395 7.39 9.50 -15.45
C ILE A 395 8.85 9.60 -15.00
N LEU A 396 9.20 10.69 -14.32
CA LEU A 396 10.55 10.85 -13.83
C LEU A 396 10.88 9.71 -12.84
N ASN A 397 10.02 9.55 -11.83
CA ASN A 397 10.25 8.49 -10.84
C ASN A 397 10.22 7.08 -11.45
N ALA A 398 9.49 6.91 -12.55
CA ALA A 398 9.40 5.60 -13.22
C ALA A 398 10.74 5.20 -13.82
N ARG A 399 11.48 6.18 -14.33
CA ARG A 399 12.80 5.95 -14.90
C ARG A 399 13.65 7.14 -14.47
N PRO A 400 14.17 7.11 -13.22
CA PRO A 400 15.00 8.14 -12.58
C PRO A 400 16.16 8.65 -13.43
N GLN A 401 16.78 7.77 -14.20
CA GLN A 401 17.90 8.16 -15.05
C GLN A 401 17.57 8.18 -16.53
N GLY A 402 16.28 8.29 -16.85
CA GLY A 402 15.85 8.36 -18.23
C GLY A 402 15.84 7.03 -18.96
N VAL A 403 15.59 7.08 -20.26
CA VAL A 403 15.56 5.88 -21.09
C VAL A 403 16.96 5.55 -21.56
N ASN A 404 17.15 4.29 -21.97
CA ASN A 404 18.42 3.83 -22.49
C ASN A 404 18.16 3.35 -23.91
N ASN A 405 18.90 3.89 -24.87
CA ASN A 405 18.72 3.51 -26.26
C ASN A 405 19.52 2.25 -26.61
N ASN A 406 20.44 1.88 -25.72
CA ASN A 406 21.28 0.71 -25.92
C ASN A 406 20.63 -0.58 -25.41
N GLY A 407 19.87 -0.46 -24.32
CA GLY A 407 19.21 -1.61 -23.76
C GLY A 407 18.27 -1.21 -22.64
N PRO A 408 18.16 -2.03 -21.58
CA PRO A 408 17.27 -1.68 -20.47
C PRO A 408 17.85 -0.53 -19.66
N PRO A 409 16.99 0.33 -19.09
CA PRO A 409 17.49 1.44 -18.28
C PRO A 409 18.08 0.84 -17.02
N LYS A 410 19.09 1.48 -16.41
CA LYS A 410 19.65 0.87 -15.21
C LYS A 410 18.64 0.82 -14.08
N LEU A 411 17.75 1.81 -14.02
CA LEU A 411 16.74 1.84 -12.98
C LEU A 411 15.36 2.11 -13.54
N SER A 412 14.39 1.29 -13.15
CA SER A 412 13.03 1.48 -13.61
C SER A 412 12.05 0.83 -12.66
N MET A 413 10.87 1.44 -12.54
CA MET A 413 9.83 0.88 -11.69
C MET A 413 9.17 -0.26 -12.45
N PHE A 414 8.57 -1.18 -11.70
CA PHE A 414 7.91 -2.35 -12.28
C PHE A 414 6.54 -2.04 -12.87
N GLY A 415 5.97 -0.91 -12.44
CA GLY A 415 4.68 -0.49 -12.93
C GLY A 415 4.14 0.68 -12.13
N VAL A 416 3.12 1.33 -12.67
CA VAL A 416 2.49 2.45 -11.99
C VAL A 416 0.98 2.32 -12.14
N THR A 417 0.28 2.50 -11.02
CA THR A 417 -1.17 2.42 -11.02
C THR A 417 -1.73 3.82 -10.81
N TYR A 418 -2.62 4.23 -11.71
CA TYR A 418 -3.22 5.55 -11.65
C TYR A 418 -4.56 5.58 -10.92
N LEU A 419 -4.69 6.50 -9.98
CA LEU A 419 -5.91 6.67 -9.21
C LEU A 419 -6.56 7.94 -9.77
N ARG A 420 -7.78 7.87 -10.29
CA ARG A 420 -8.60 6.66 -10.38
C ARG A 420 -9.52 6.87 -11.59
N LEU A 421 -10.17 5.82 -12.06
CA LEU A 421 -11.10 5.97 -13.19
C LEU A 421 -12.32 6.73 -12.72
N SER A 422 -12.68 7.78 -13.46
CA SER A 422 -13.84 8.62 -13.15
C SER A 422 -14.20 9.39 -14.41
N ASP A 423 -15.36 10.06 -14.39
CA ASP A 423 -15.80 10.83 -15.55
C ASP A 423 -14.86 11.99 -15.83
N ASP A 424 -14.23 12.52 -14.78
CA ASP A 424 -13.30 13.62 -14.93
C ASP A 424 -12.13 13.23 -15.82
N LEU A 425 -11.59 12.03 -15.60
CA LEU A 425 -10.48 11.54 -16.39
C LEU A 425 -10.84 11.40 -17.87
N LEU A 426 -12.06 10.94 -18.14
CA LEU A 426 -12.51 10.73 -19.53
C LEU A 426 -12.87 12.01 -20.28
N GLN A 427 -12.95 13.13 -19.56
CA GLN A 427 -13.25 14.39 -20.20
C GLN A 427 -12.23 14.59 -21.32
N LYS A 428 -12.69 15.04 -22.48
CA LYS A 428 -11.83 15.23 -23.64
C LYS A 428 -10.42 15.73 -23.36
N SER A 429 -10.29 16.93 -22.82
CA SER A 429 -8.97 17.50 -22.55
C SER A 429 -8.14 16.69 -21.56
N ASN A 430 -8.76 16.26 -20.47
CA ASN A 430 -8.04 15.47 -19.48
C ASN A 430 -7.54 14.17 -20.09
N PHE A 431 -8.43 13.44 -20.75
CA PHE A 431 -8.08 12.16 -21.36
C PHE A 431 -6.99 12.32 -22.41
N ASN A 432 -6.98 13.47 -23.09
CA ASN A 432 -5.99 13.75 -24.11
C ASN A 432 -4.58 13.75 -23.51
N ILE A 433 -4.47 14.36 -22.33
CA ILE A 433 -3.19 14.44 -21.64
C ILE A 433 -2.80 13.08 -21.09
N PHE A 434 -3.78 12.36 -20.56
CA PHE A 434 -3.55 11.02 -20.01
C PHE A 434 -2.96 10.08 -21.07
N LYS A 435 -3.44 10.21 -22.31
CA LYS A 435 -2.95 9.37 -23.40
C LYS A 435 -1.46 9.61 -23.64
N LYS A 436 -1.04 10.85 -23.54
CA LYS A 436 0.36 11.19 -23.74
C LYS A 436 1.17 10.60 -22.58
N PHE A 437 0.58 10.64 -21.39
CA PHE A 437 1.22 10.09 -20.20
C PHE A 437 1.49 8.60 -20.42
N VAL A 438 0.47 7.89 -20.89
CA VAL A 438 0.58 6.47 -21.16
C VAL A 438 1.69 6.22 -22.20
N LEU A 439 1.67 7.01 -23.27
CA LEU A 439 2.66 6.87 -24.32
C LEU A 439 4.09 7.04 -23.81
N LYS A 440 4.30 8.06 -22.98
CA LYS A 440 5.62 8.33 -22.43
C LYS A 440 6.07 7.25 -21.45
N MET A 441 5.13 6.69 -20.70
CA MET A 441 5.44 5.63 -19.76
C MET A 441 5.90 4.42 -20.58
N HIS A 442 5.29 4.25 -21.75
CA HIS A 442 5.63 3.15 -22.66
C HIS A 442 6.84 3.49 -23.51
N ALA A 443 7.50 4.59 -23.16
CA ALA A 443 8.69 5.06 -23.88
C ALA A 443 8.45 5.27 -25.37
N ASP A 444 7.35 5.95 -25.70
CA ASP A 444 6.99 6.23 -27.09
C ASP A 444 6.66 5.01 -27.94
N GLN A 445 6.51 3.86 -27.30
CA GLN A 445 6.16 2.65 -28.05
C GLN A 445 4.66 2.42 -27.95
N ASP A 446 4.12 1.69 -28.90
CA ASP A 446 2.69 1.37 -28.88
C ASP A 446 2.47 0.37 -27.76
N TYR A 447 1.21 0.26 -27.33
CA TYR A 447 0.83 -0.67 -26.28
C TYR A 447 1.40 -2.04 -26.67
N CYS A 448 1.95 -2.74 -25.69
CA CYS A 448 2.55 -4.05 -25.93
C CYS A 448 1.81 -5.11 -25.12
N ALA A 449 1.06 -5.95 -25.82
CA ALA A 449 0.26 -6.99 -25.20
C ALA A 449 1.02 -8.13 -24.51
N ASN A 450 2.18 -8.50 -25.04
CA ASN A 450 2.97 -9.59 -24.46
C ASN A 450 4.06 -9.03 -23.55
N PRO A 451 3.87 -9.13 -22.22
CA PRO A 451 4.82 -8.62 -21.21
C PRO A 451 6.24 -9.18 -21.36
N GLN A 452 6.34 -10.37 -21.96
CA GLN A 452 7.64 -11.00 -22.16
C GLN A 452 8.55 -10.11 -23.01
N LYS A 453 7.96 -9.42 -23.98
CA LYS A 453 8.73 -8.53 -24.85
C LYS A 453 9.50 -7.46 -24.09
N TYR A 454 8.95 -6.98 -22.98
CA TYR A 454 9.68 -5.97 -22.22
C TYR A 454 10.20 -6.52 -20.90
N ASN A 455 10.54 -7.80 -20.94
CA ASN A 455 11.10 -8.52 -19.80
C ASN A 455 10.23 -8.51 -18.54
N HIS A 456 8.94 -8.73 -18.72
CA HIS A 456 7.98 -8.76 -17.61
C HIS A 456 7.21 -10.08 -17.67
N ALA A 457 7.86 -11.13 -18.12
CA ALA A 457 7.23 -12.43 -18.18
C ALA A 457 6.95 -12.86 -16.75
N ILE A 458 5.77 -13.39 -16.48
CA ILE A 458 5.46 -13.83 -15.14
C ILE A 458 5.43 -15.35 -15.07
N THR A 459 6.26 -15.90 -14.19
CA THR A 459 6.36 -17.34 -14.02
C THR A 459 5.57 -17.76 -12.78
N PRO A 460 5.34 -19.06 -12.61
CA PRO A 460 4.60 -19.59 -11.47
C PRO A 460 5.20 -19.13 -10.15
N LEU A 461 4.35 -18.71 -9.21
CA LEU A 461 4.79 -18.24 -7.91
C LEU A 461 5.54 -19.35 -7.16
N LYS A 462 6.76 -19.05 -6.71
CA LYS A 462 7.58 -20.02 -5.98
C LYS A 462 7.34 -19.87 -4.48
N PRO A 463 7.59 -20.93 -3.71
CA PRO A 463 7.39 -20.79 -2.25
C PRO A 463 8.37 -19.75 -1.73
N SER A 464 7.99 -19.06 -0.66
CA SER A 464 8.84 -18.03 -0.09
C SER A 464 10.16 -18.61 0.40
N ALA A 465 11.21 -17.78 0.39
CA ALA A 465 12.51 -18.21 0.86
C ALA A 465 12.43 -18.30 2.38
N PRO A 466 13.44 -18.92 3.03
CA PRO A 466 13.45 -19.06 4.49
C PRO A 466 13.23 -17.74 5.25
N LYS A 467 12.65 -17.87 6.43
CA LYS A 467 12.37 -16.73 7.30
C LYS A 467 13.67 -15.98 7.63
N ILE A 468 13.62 -14.65 7.55
CA ILE A 468 14.78 -13.84 7.87
C ILE A 468 14.61 -13.31 9.29
N PRO A 469 15.55 -13.62 10.20
CA PRO A 469 15.43 -13.12 11.57
C PRO A 469 15.37 -11.60 11.67
N ILE A 470 14.60 -11.12 12.65
CA ILE A 470 14.42 -9.70 12.87
C ILE A 470 15.74 -8.90 12.93
N GLU A 471 16.78 -9.48 13.51
CA GLU A 471 18.06 -8.77 13.61
C GLU A 471 18.70 -8.54 12.25
N VAL A 472 18.47 -9.46 11.32
CA VAL A 472 19.03 -9.34 9.98
C VAL A 472 18.23 -8.33 9.17
N LEU A 473 16.92 -8.27 9.42
CA LEU A 473 16.08 -7.30 8.72
C LEU A 473 16.48 -5.90 9.15
N LEU A 474 16.75 -5.73 10.44
CA LEU A 474 17.13 -4.43 11.00
C LEU A 474 18.52 -3.94 10.62
N GLU A 475 19.31 -4.79 9.97
CA GLU A 475 20.63 -4.36 9.53
C GLU A 475 20.39 -3.40 8.37
N ALA A 476 19.22 -3.53 7.76
CA ALA A 476 18.85 -2.70 6.62
C ALA A 476 18.53 -1.28 7.05
N THR A 477 18.54 -1.02 8.36
CA THR A 477 18.26 0.33 8.86
C THR A 477 19.47 1.23 8.62
N LYS A 478 20.59 0.64 8.20
CA LYS A 478 21.80 1.42 7.95
C LYS A 478 21.54 2.39 6.80
N PRO A 479 21.70 3.69 7.06
CA PRO A 479 21.48 4.73 6.03
C PRO A 479 22.37 4.53 4.81
N THR A 480 21.80 4.75 3.62
CA THR A 480 22.55 4.63 2.38
C THR A 480 22.23 5.84 1.52
N LEU A 481 23.13 6.21 0.63
CA LEU A 481 22.89 7.33 -0.24
C LEU A 481 21.95 6.86 -1.36
N PRO A 482 20.96 7.67 -1.71
CA PRO A 482 20.01 7.30 -2.76
C PRO A 482 20.67 7.31 -4.15
N PHE A 483 20.03 6.66 -5.11
CA PHE A 483 20.55 6.64 -6.47
C PHE A 483 20.33 8.05 -7.02
N PRO A 484 21.17 8.46 -7.98
CA PRO A 484 21.02 9.80 -8.56
C PRO A 484 19.78 9.94 -9.43
N TRP A 485 19.05 11.03 -9.23
CA TRP A 485 17.83 11.32 -9.97
C TRP A 485 18.11 12.43 -10.97
N LEU A 486 17.41 12.39 -12.10
CA LEU A 486 17.53 13.43 -13.12
C LEU A 486 16.68 14.60 -12.59
N PRO A 487 17.02 15.84 -12.97
CA PRO A 487 16.23 16.98 -12.49
C PRO A 487 14.82 16.99 -13.09
N GLU A 488 14.69 16.37 -14.26
CA GLU A 488 13.41 16.28 -14.96
C GLU A 488 13.51 15.13 -15.96
N THR A 489 12.38 14.53 -16.30
CA THR A 489 12.37 13.41 -17.23
C THR A 489 12.73 13.78 -18.66
N ASP A 490 13.27 12.81 -19.39
CA ASP A 490 13.66 13.01 -20.77
C ASP A 490 12.49 12.62 -21.67
N MET A 491 11.38 12.22 -21.04
CA MET A 491 10.17 11.81 -21.74
C MET A 491 8.98 12.61 -21.23
N LYS A 492 9.04 13.94 -21.38
CA LYS A 492 7.99 14.82 -20.92
C LYS A 492 6.71 14.72 -21.74
N VAL A 493 5.57 14.91 -21.06
CA VAL A 493 4.27 14.86 -21.71
C VAL A 493 4.07 16.13 -22.52
N ASP A 494 4.64 17.23 -22.04
CA ASP A 494 4.54 18.52 -22.71
C ASP A 494 5.10 18.45 -24.12
N GLY A 495 4.21 18.24 -25.08
CA GLY A 495 4.61 18.15 -26.47
C GLY A 495 3.42 18.37 -27.39
C1 GLC B . -2.94 6.18 -1.34
C2 GLC B . -4.18 7.02 -1.68
C3 GLC B . -5.43 6.36 -1.10
C4 GLC B . -5.53 4.90 -1.54
C5 GLC B . -4.23 4.17 -1.15
C6 GLC B . -4.19 2.70 -1.54
O1 GLC B . -2.75 6.18 0.04
O2 GLC B . -4.04 8.32 -1.15
O3 GLC B . -6.57 7.08 -1.51
O4 GLC B . -6.65 4.27 -0.88
O5 GLC B . -3.10 4.82 -1.78
O6 GLC B . -4.27 2.51 -2.94
C1 GLC B . -7.87 4.29 -1.57
C2 GLC B . -9.00 3.88 -0.63
C3 GLC B . -8.81 2.43 -0.20
C4 GLC B . -8.75 1.53 -1.45
C5 GLC B . -7.67 2.03 -2.42
C6 GLC B . -7.72 1.29 -3.75
O2 GLC B . -9.03 4.74 0.51
O3 GLC B . -9.88 2.04 0.63
O4 GLC B . -8.47 0.19 -1.06
O5 GLC B . -7.85 3.43 -2.72
O6 GLC B . -8.99 1.47 -4.38
C2 BGC C . -4.87 18.77 1.00
C3 BGC C . -3.91 17.59 0.83
C4 BGC C . -4.40 16.41 1.66
C5 BGC C . -5.83 16.06 1.28
C6 BGC C . -6.42 14.92 2.09
C1 BGC C . -6.30 18.34 0.67
O1 BGC C . -7.17 19.37 0.93
O2 BGC C . -4.48 19.82 0.13
O3 BGC C . -2.61 17.96 1.23
O4 BGC C . -3.53 15.28 1.43
O5 BGC C . -6.68 17.21 1.49
O6 BGC C . -6.12 15.03 3.47
C1 GLC C . -2.71 14.95 2.50
C2 GLC C . -1.32 14.54 1.99
C3 GLC C . -1.39 13.20 1.26
C4 GLC C . -2.04 12.14 2.16
C5 GLC C . -3.41 12.63 2.64
C6 GLC C . -4.07 11.68 3.61
O2 GLC C . -0.84 15.53 1.11
O3 GLC C . -0.09 12.78 0.89
O4 GLC C . -2.20 10.92 1.44
O5 GLC C . -3.27 13.91 3.31
O6 GLC C . -5.39 12.09 3.92
S SO4 D . 23.92 -3.15 2.53
O1 SO4 D . 23.12 -2.63 3.67
O2 SO4 D . 23.18 -4.26 1.89
O3 SO4 D . 25.21 -3.64 3.04
O4 SO4 D . 24.15 -2.08 1.55
#